data_2XOC
#
_entry.id   2XOC
#
_cell.length_a   161.540
_cell.length_b   51.700
_cell.length_c   82.360
_cell.angle_alpha   90.00
_cell.angle_beta   105.76
_cell.angle_gamma   90.00
#
_symmetry.space_group_name_H-M   'C 1 2 1'
#
loop_
_entity.id
_entity.type
_entity.pdbx_description
1 polymer 'E3 UBIQUITIN-PROTEIN LIGASE CHFR'
2 non-polymer 'ZINC ION'
3 non-polymer 'TRIETHYLENE GLYCOL'
4 non-polymer "ADENOSINE-5'-DIPHOSPHATE"
5 non-polymer ADENINE
6 water water
#
_entity_poly.entity_id   1
_entity_poly.type   'polypeptide(L)'
_entity_poly.pdbx_seq_one_letter_code
;GAMDLLELSDVDSESSDISQPYVVCRQCPEYRRQAAQPPHCPAPEGEPGAPQALGDAPSTSVSLTTAVQDYVCPLQGSHA
LCTCCFQPMPDRRVEREQDPRVAPQQCAVCLQPFCHLYWGCTRTGCYGCLAPFCELNLGDKCLDGVLNNNSYESDILKNY
LATRGLTWKNMLTESLVALQRGVFLLSDYRVTGDTVLCYCCGLRSFRELTYQYRQNIPASELPVAVTSRPDCYWGRNCRT
QVKAHHAMKFNHICEQTRFKN
;
_entity_poly.pdbx_strand_id   A,B
#
# COMPACT_ATOMS: atom_id res chain seq x y z
N PRO A 21 12.54 5.91 -30.75
CA PRO A 21 11.77 4.71 -31.10
C PRO A 21 10.85 4.97 -32.28
N TYR A 22 10.74 4.00 -33.19
CA TYR A 22 9.83 4.11 -34.33
C TYR A 22 8.40 3.88 -33.84
N VAL A 23 7.48 4.77 -34.23
CA VAL A 23 6.09 4.67 -33.79
C VAL A 23 5.10 4.92 -34.93
N VAL A 24 4.19 3.97 -35.14
CA VAL A 24 3.14 4.11 -36.15
C VAL A 24 1.79 4.11 -35.47
N CYS A 25 1.04 5.20 -35.61
CA CYS A 25 -0.27 5.28 -34.97
C CYS A 25 -1.40 5.29 -36.01
N ARG A 26 -2.64 5.24 -35.51
CA ARG A 26 -3.82 5.24 -36.37
C ARG A 26 -3.73 6.28 -37.49
N GLN A 27 -3.14 7.43 -37.20
CA GLN A 27 -3.16 8.55 -38.12
C GLN A 27 -1.82 8.81 -38.80
N CYS A 28 -0.87 7.90 -38.62
CA CYS A 28 0.42 7.97 -39.30
C CYS A 28 0.24 7.74 -40.81
N PRO A 29 1.13 8.32 -41.62
CA PRO A 29 1.11 8.16 -43.08
C PRO A 29 1.56 6.75 -43.48
N GLU A 30 1.04 6.25 -44.60
CA GLU A 30 1.36 4.90 -45.05
C GLU A 30 2.85 4.65 -45.19
N TYR A 31 3.60 5.63 -45.68
CA TYR A 31 5.02 5.44 -45.93
C TYR A 31 5.77 5.13 -44.63
N ARG A 32 5.32 5.70 -43.53
CA ARG A 32 5.87 5.37 -42.22
C ARG A 32 5.53 3.92 -41.87
N ARG A 33 4.30 3.54 -42.13
CA ARG A 33 3.81 2.22 -41.76
C ARG A 33 4.65 1.11 -42.42
N GLN A 34 4.90 1.24 -43.72
CA GLN A 34 5.61 0.22 -44.49
C GLN A 34 7.11 0.19 -44.24
N ALA A 35 7.61 1.17 -43.49
CA ALA A 35 9.03 1.28 -43.21
C ALA A 35 9.42 0.70 -41.85
N ALA A 36 8.43 0.30 -41.07
CA ALA A 36 8.69 -0.30 -39.77
C ALA A 36 9.37 -1.66 -39.94
N GLN A 37 9.95 -2.18 -38.86
CA GLN A 37 10.56 -3.50 -38.91
C GLN A 37 9.49 -4.58 -39.03
N PRO A 38 9.65 -5.50 -40.00
CA PRO A 38 8.62 -6.51 -40.25
C PRO A 38 8.51 -7.50 -39.09
N PRO A 39 7.36 -8.17 -38.97
CA PRO A 39 7.18 -9.18 -37.93
C PRO A 39 8.10 -10.37 -38.17
N HIS A 40 8.29 -11.20 -37.15
CA HIS A 40 9.09 -12.42 -37.29
C HIS A 40 8.20 -13.60 -37.67
N CYS A 41 8.70 -14.45 -38.56
CA CYS A 41 7.97 -15.63 -38.99
C CYS A 41 8.67 -16.91 -38.53
N PRO A 42 7.89 -17.87 -38.02
CA PRO A 42 8.38 -19.20 -37.62
C PRO A 42 9.14 -19.91 -38.74
N ASP A 70 -9.17 12.67 -40.08
CA ASP A 70 -8.64 13.50 -41.16
C ASP A 70 -7.16 13.82 -40.95
N TYR A 71 -6.78 14.02 -39.69
CA TYR A 71 -5.40 14.38 -39.34
C TYR A 71 -4.40 13.35 -39.84
N VAL A 72 -3.26 13.83 -40.32
CA VAL A 72 -2.15 12.97 -40.69
C VAL A 72 -0.88 13.47 -40.02
N CYS A 73 -0.16 12.57 -39.36
CA CYS A 73 1.01 12.95 -38.58
C CYS A 73 2.14 13.52 -39.44
N PRO A 74 2.60 14.73 -39.07
CA PRO A 74 3.74 15.41 -39.71
C PRO A 74 5.06 14.87 -39.19
N LEU A 75 6.15 15.14 -39.92
CA LEU A 75 7.47 14.63 -39.54
C LEU A 75 7.95 15.14 -38.18
N GLN A 76 7.78 16.43 -37.93
CA GLN A 76 8.30 17.05 -36.71
C GLN A 76 7.32 16.92 -35.54
N GLY A 77 6.20 16.27 -35.79
CA GLY A 77 5.22 16.01 -34.74
C GLY A 77 5.68 14.88 -33.84
N SER A 78 4.98 14.68 -32.74
CA SER A 78 5.33 13.61 -31.80
C SER A 78 4.09 12.78 -31.45
N HIS A 79 4.31 11.70 -30.71
CA HIS A 79 3.21 10.87 -30.24
C HIS A 79 3.21 10.77 -28.72
N ALA A 80 2.03 10.58 -28.16
CA ALA A 80 1.89 10.30 -26.74
C ALA A 80 1.13 9.00 -26.57
N LEU A 81 1.50 8.21 -25.56
CA LEU A 81 0.81 6.95 -25.31
C LEU A 81 -0.39 7.16 -24.41
N CYS A 82 -1.55 6.65 -24.81
CA CYS A 82 -2.73 6.71 -23.97
C CYS A 82 -2.45 5.98 -22.66
N THR A 83 -2.78 6.62 -21.55
CA THR A 83 -2.51 6.05 -20.24
C THR A 83 -3.36 4.80 -20.00
N CYS A 84 -4.48 4.72 -20.70
CA CYS A 84 -5.40 3.60 -20.53
C CYS A 84 -5.04 2.40 -21.41
N CYS A 85 -5.00 2.61 -22.72
CA CYS A 85 -4.81 1.50 -23.65
C CYS A 85 -3.36 1.34 -24.12
N PHE A 86 -2.51 2.31 -23.78
CA PHE A 86 -1.09 2.26 -24.11
C PHE A 86 -0.77 2.43 -25.60
N GLN A 87 -1.77 2.75 -26.40
CA GLN A 87 -1.57 2.95 -27.83
C GLN A 87 -1.17 4.39 -28.13
N PRO A 88 -0.31 4.60 -29.14
CA PRO A 88 0.17 5.94 -29.44
C PRO A 88 -0.87 6.77 -30.20
N MET A 89 -0.87 8.07 -29.91
CA MET A 89 -1.69 9.02 -30.66
C MET A 89 -0.81 10.23 -30.90
N PRO A 90 -1.14 11.02 -31.94
CA PRO A 90 -0.36 12.25 -32.15
C PRO A 90 -0.55 13.18 -30.96
N ASP A 91 0.53 13.77 -30.47
CA ASP A 91 0.45 14.66 -29.32
C ASP A 91 0.18 16.09 -29.76
N ARG A 92 -1.09 16.49 -29.74
CA ARG A 92 -1.49 17.81 -30.20
C ARG A 92 -1.92 18.73 -29.06
N ARG A 93 -1.46 18.43 -27.85
CA ARG A 93 -1.78 19.23 -26.67
C ARG A 93 -1.34 20.68 -26.83
N VAL A 94 -0.09 20.89 -27.22
CA VAL A 94 0.44 22.24 -27.41
C VAL A 94 -0.41 23.01 -28.42
N GLU A 95 -0.68 22.36 -29.55
CA GLU A 95 -1.57 22.91 -30.56
C GLU A 95 -2.89 23.35 -29.95
N ARG A 96 -3.48 22.49 -29.13
CA ARG A 96 -4.78 22.75 -28.53
C ARG A 96 -4.79 23.99 -27.64
N GLU A 97 -3.66 24.28 -26.99
CA GLU A 97 -3.56 25.42 -26.09
C GLU A 97 -3.94 26.74 -26.78
N GLN A 98 -3.76 26.80 -28.09
CA GLN A 98 -4.10 27.98 -28.87
C GLN A 98 -5.10 27.64 -29.97
N ASP A 99 -5.74 26.48 -29.84
CA ASP A 99 -6.76 26.06 -30.79
C ASP A 99 -7.71 25.06 -30.12
N PRO A 100 -8.78 25.58 -29.51
CA PRO A 100 -9.77 24.79 -28.77
C PRO A 100 -10.51 23.78 -29.65
N ARG A 101 -10.32 23.86 -30.96
CA ARG A 101 -11.01 22.96 -31.88
C ARG A 101 -10.44 21.55 -31.82
N VAL A 102 -9.20 21.44 -31.34
CA VAL A 102 -8.58 20.14 -31.14
C VAL A 102 -9.19 19.49 -29.90
N ALA A 103 -9.56 18.22 -30.01
CA ALA A 103 -10.15 17.51 -28.88
C ALA A 103 -9.17 17.35 -27.74
N PRO A 104 -9.67 17.37 -26.50
CA PRO A 104 -8.82 17.16 -25.32
C PRO A 104 -8.08 15.83 -25.41
N GLN A 105 -6.83 15.81 -24.94
CA GLN A 105 -6.04 14.57 -24.97
C GLN A 105 -5.45 14.26 -23.61
N GLN A 106 -5.90 14.97 -22.59
CA GLN A 106 -5.41 14.70 -21.23
C GLN A 106 -6.48 14.99 -20.18
N CYS A 107 -6.34 14.34 -19.03
CA CYS A 107 -7.19 14.60 -17.88
C CYS A 107 -6.79 15.94 -17.27
N ALA A 108 -7.78 16.78 -16.98
CA ALA A 108 -7.51 18.12 -16.46
C ALA A 108 -7.09 18.11 -15.00
N VAL A 109 -7.21 16.95 -14.36
CA VAL A 109 -6.84 16.81 -12.96
C VAL A 109 -5.45 16.22 -12.78
N CYS A 110 -5.20 15.06 -13.38
CA CYS A 110 -3.90 14.39 -13.24
C CYS A 110 -2.94 14.70 -14.38
N LEU A 111 -3.47 15.31 -15.44
CA LEU A 111 -2.67 15.78 -16.56
C LEU A 111 -2.03 14.66 -17.39
N GLN A 112 -2.47 13.41 -17.18
CA GLN A 112 -1.98 12.30 -17.97
C GLN A 112 -2.77 12.20 -19.28
N PRO A 113 -2.12 11.69 -20.35
CA PRO A 113 -2.78 11.62 -21.66
C PRO A 113 -3.73 10.45 -21.81
N PHE A 114 -4.89 10.69 -22.42
CA PHE A 114 -5.87 9.64 -22.73
C PHE A 114 -6.42 9.89 -24.14
N CYS A 115 -6.72 8.82 -24.87
CA CYS A 115 -7.06 8.98 -26.29
C CYS A 115 -8.55 8.99 -26.61
N HIS A 116 -9.40 8.79 -25.60
CA HIS A 116 -10.81 8.54 -25.86
C HIS A 116 -11.55 9.66 -26.61
N LEU A 117 -11.44 10.88 -26.11
CA LEU A 117 -12.12 11.99 -26.76
C LEU A 117 -11.52 12.28 -28.12
N TYR A 118 -10.23 12.02 -28.27
CA TYR A 118 -9.55 12.33 -29.52
C TYR A 118 -10.01 11.44 -30.68
N TRP A 119 -10.03 10.13 -30.47
CA TRP A 119 -10.43 9.22 -31.54
C TRP A 119 -11.10 7.92 -31.08
N GLY A 120 -11.46 7.86 -29.80
CA GLY A 120 -12.14 6.69 -29.27
C GLY A 120 -11.20 5.59 -28.84
N CYS A 121 -11.20 5.31 -27.54
CA CYS A 121 -10.32 4.31 -26.97
C CYS A 121 -11.05 2.96 -26.89
N THR A 122 -10.29 1.87 -27.04
CA THR A 122 -10.88 0.54 -26.93
C THR A 122 -9.99 -0.38 -26.11
N ARG A 123 -10.53 -0.89 -25.02
CA ARG A 123 -9.84 -1.85 -24.18
C ARG A 123 -10.83 -2.50 -23.23
N THR A 124 -10.65 -3.79 -22.97
CA THR A 124 -11.44 -4.45 -21.96
C THR A 124 -11.12 -3.83 -20.62
N GLY A 125 -12.14 -3.26 -19.97
CA GLY A 125 -11.92 -2.55 -18.72
C GLY A 125 -12.05 -1.05 -18.93
N CYS A 126 -11.89 -0.60 -20.17
CA CYS A 126 -12.10 0.80 -20.50
C CYS A 126 -13.57 1.06 -20.79
N TYR A 127 -14.15 2.00 -20.06
CA TYR A 127 -15.56 2.35 -20.23
C TYR A 127 -15.70 3.62 -21.06
N GLY A 128 -14.58 4.17 -21.49
CA GLY A 128 -14.53 5.51 -22.05
C GLY A 128 -13.76 6.38 -21.07
N CYS A 129 -12.43 6.38 -21.22
CA CYS A 129 -11.51 6.78 -20.16
C CYS A 129 -11.33 8.29 -20.00
N LEU A 130 -11.93 9.09 -20.88
CA LEU A 130 -11.85 10.54 -20.74
C LEU A 130 -13.18 11.19 -21.13
N ALA A 131 -13.69 12.05 -20.27
CA ALA A 131 -15.00 12.67 -20.50
C ALA A 131 -15.24 13.79 -19.51
N PRO A 132 -16.16 14.71 -19.84
CA PRO A 132 -16.64 15.61 -18.78
C PRO A 132 -17.16 14.77 -17.64
N PHE A 133 -16.89 15.18 -16.40
CA PHE A 133 -17.25 14.43 -15.21
C PHE A 133 -18.72 14.02 -15.22
N CYS A 134 -19.59 14.95 -15.60
CA CYS A 134 -21.03 14.70 -15.55
C CYS A 134 -21.47 13.62 -16.54
N GLU A 135 -20.59 13.26 -17.47
CA GLU A 135 -20.93 12.27 -18.49
C GLU A 135 -20.01 11.06 -18.47
N LEU A 136 -19.09 11.03 -17.51
CA LEU A 136 -18.12 9.95 -17.40
C LEU A 136 -18.78 8.61 -17.07
N ASN A 137 -18.41 7.57 -17.81
CA ASN A 137 -18.87 6.21 -17.53
C ASN A 137 -18.02 5.57 -16.44
N LEU A 138 -18.61 5.39 -15.26
CA LEU A 138 -17.88 4.83 -14.14
C LEU A 138 -17.94 3.31 -14.08
N GLY A 139 -18.80 2.73 -14.92
CA GLY A 139 -18.92 1.29 -14.98
C GLY A 139 -20.05 0.74 -14.13
N ASP A 140 -20.50 -0.47 -14.46
CA ASP A 140 -21.64 -1.09 -13.79
C ASP A 140 -21.37 -1.41 -12.32
N LYS A 141 -20.11 -1.58 -11.97
CA LYS A 141 -19.76 -2.01 -10.62
C LYS A 141 -19.19 -0.87 -9.78
N CYS A 142 -19.46 0.37 -10.19
CA CYS A 142 -18.89 1.52 -9.51
C CYS A 142 -19.39 1.68 -8.07
N LEU A 143 -20.49 1.02 -7.72
CA LEU A 143 -21.02 1.10 -6.36
C LEU A 143 -20.35 0.07 -5.44
N ASP A 144 -19.67 -0.91 -6.03
CA ASP A 144 -18.96 -1.91 -5.25
C ASP A 144 -17.85 -1.24 -4.45
N GLY A 145 -17.97 -1.31 -3.13
CA GLY A 145 -16.95 -0.76 -2.25
C GLY A 145 -16.78 0.75 -2.39
N VAL A 146 -17.79 1.41 -2.95
CA VAL A 146 -17.71 2.85 -3.18
C VAL A 146 -17.61 3.62 -1.85
N LEU A 147 -18.14 3.05 -0.78
CA LEU A 147 -18.04 3.66 0.54
C LEU A 147 -16.91 3.02 1.35
N ASN A 148 -15.81 3.73 1.52
CA ASN A 148 -14.70 3.28 2.37
C ASN A 148 -14.09 1.95 1.94
N ASN A 149 -14.25 1.56 0.67
CA ASN A 149 -13.84 0.22 0.28
C ASN A 149 -14.48 -0.80 1.21
N ASN A 150 -15.68 -0.48 1.65
CA ASN A 150 -16.40 -1.25 2.65
C ASN A 150 -17.66 -1.84 2.03
N SER A 151 -17.65 -3.16 1.80
CA SER A 151 -18.74 -3.80 1.08
C SER A 151 -20.06 -3.76 1.84
N TYR A 152 -19.99 -3.82 3.16
CA TYR A 152 -21.20 -3.77 3.97
C TYR A 152 -21.88 -2.41 3.89
N GLU A 153 -21.10 -1.35 4.08
CA GLU A 153 -21.61 0.01 3.96
C GLU A 153 -22.09 0.29 2.53
N SER A 154 -21.30 -0.18 1.56
CA SER A 154 -21.63 0.05 0.16
C SER A 154 -22.92 -0.66 -0.23
N ASP A 155 -23.13 -1.87 0.28
CA ASP A 155 -24.35 -2.61 0.00
C ASP A 155 -25.58 -1.94 0.61
N ILE A 156 -25.40 -1.30 1.75
CA ILE A 156 -26.47 -0.52 2.35
C ILE A 156 -26.91 0.58 1.40
N LEU A 157 -25.95 1.27 0.79
CA LEU A 157 -26.28 2.33 -0.15
C LEU A 157 -26.93 1.77 -1.42
N LYS A 158 -26.41 0.64 -1.89
CA LYS A 158 -26.98 -0.04 -3.05
C LYS A 158 -28.45 -0.36 -2.82
N ASN A 159 -28.74 -0.91 -1.64
CA ASN A 159 -30.10 -1.24 -1.25
C ASN A 159 -30.99 0.00 -1.17
N TYR A 160 -30.47 1.05 -0.56
CA TYR A 160 -31.19 2.31 -0.47
C TYR A 160 -31.59 2.82 -1.86
N LEU A 161 -30.65 2.80 -2.79
CA LEU A 161 -30.90 3.28 -4.15
C LEU A 161 -31.86 2.38 -4.91
N ALA A 162 -31.65 1.06 -4.79
CA ALA A 162 -32.50 0.09 -5.48
C ALA A 162 -33.94 0.19 -5.00
N THR A 163 -34.11 0.27 -3.69
CA THR A 163 -35.42 0.40 -3.08
C THR A 163 -36.21 1.56 -3.70
N ARG A 164 -35.50 2.60 -4.10
CA ARG A 164 -36.15 3.80 -4.60
C ARG A 164 -36.04 3.95 -6.11
N GLY A 165 -35.54 2.91 -6.76
CA GLY A 165 -35.42 2.90 -8.21
C GLY A 165 -34.44 3.94 -8.72
N LEU A 166 -33.40 4.18 -7.94
CA LEU A 166 -32.37 5.13 -8.32
C LEU A 166 -31.11 4.42 -8.80
N THR A 167 -30.38 5.08 -9.70
CA THR A 167 -29.13 4.54 -10.24
C THR A 167 -27.95 5.34 -9.69
N TRP A 168 -26.73 4.81 -9.84
CA TRP A 168 -25.54 5.59 -9.48
C TRP A 168 -25.56 6.90 -10.25
N LYS A 169 -26.10 6.85 -11.47
CA LYS A 169 -26.23 8.05 -12.31
C LYS A 169 -27.09 9.12 -11.64
N ASN A 170 -28.28 8.73 -11.16
CA ASN A 170 -29.16 9.66 -10.47
C ASN A 170 -28.46 10.26 -9.26
N MET A 171 -27.73 9.42 -8.53
CA MET A 171 -27.02 9.85 -7.33
C MET A 171 -25.97 10.91 -7.66
N LEU A 172 -25.21 10.67 -8.73
CA LEU A 172 -24.16 11.59 -9.14
C LEU A 172 -24.73 12.94 -9.57
N THR A 173 -25.80 12.91 -10.38
CA THR A 173 -26.46 14.13 -10.83
C THR A 173 -26.88 14.97 -9.63
N GLU A 174 -27.48 14.31 -8.64
CA GLU A 174 -27.94 14.99 -7.43
C GLU A 174 -26.75 15.56 -6.66
N SER A 175 -25.68 14.78 -6.56
CA SER A 175 -24.48 15.20 -5.84
C SER A 175 -23.79 16.40 -6.51
N LEU A 176 -23.81 16.43 -7.84
CA LEU A 176 -23.17 17.52 -8.58
C LEU A 176 -23.90 18.83 -8.39
N VAL A 177 -25.21 18.75 -8.16
CA VAL A 177 -25.98 19.95 -7.83
C VAL A 177 -25.50 20.51 -6.50
N ALA A 178 -25.34 19.63 -5.51
CA ALA A 178 -24.85 20.04 -4.20
C ALA A 178 -23.43 20.54 -4.30
N LEU A 179 -22.64 19.90 -5.16
CA LEU A 179 -21.25 20.32 -5.37
C LEU A 179 -21.18 21.74 -5.92
N GLN A 180 -22.03 22.03 -6.89
CA GLN A 180 -22.00 23.33 -7.56
C GLN A 180 -22.41 24.46 -6.61
N ARG A 181 -23.27 24.15 -5.65
CA ARG A 181 -23.69 25.15 -4.67
C ARG A 181 -22.68 25.29 -3.53
N GLY A 182 -21.73 24.36 -3.48
CA GLY A 182 -20.73 24.37 -2.42
C GLY A 182 -21.22 23.68 -1.17
N VAL A 183 -22.30 22.91 -1.33
CA VAL A 183 -22.85 22.12 -0.23
C VAL A 183 -22.02 20.86 -0.04
N PHE A 184 -21.65 20.22 -1.15
CA PHE A 184 -20.71 19.12 -1.13
C PHE A 184 -19.33 19.64 -1.50
N LEU A 185 -18.29 18.97 -1.02
CA LEU A 185 -16.92 19.40 -1.27
C LEU A 185 -16.07 18.27 -1.85
N LEU A 186 -15.01 18.64 -2.57
CA LEU A 186 -14.08 17.66 -3.14
C LEU A 186 -12.65 17.99 -2.75
N SER A 187 -11.82 16.96 -2.60
CA SER A 187 -10.39 17.16 -2.35
C SER A 187 -9.74 17.86 -3.54
N ASP A 188 -10.05 17.36 -4.75
CA ASP A 188 -9.71 18.08 -5.97
C ASP A 188 -10.72 19.20 -6.09
N TYR A 189 -10.54 20.24 -5.27
CA TYR A 189 -11.57 21.22 -4.96
C TYR A 189 -12.09 22.04 -6.15
N ARG A 190 -11.37 22.01 -7.28
CA ARG A 190 -11.77 22.82 -8.41
C ARG A 190 -12.44 22.02 -9.53
N VAL A 191 -12.62 20.73 -9.26
CA VAL A 191 -13.37 19.87 -10.17
C VAL A 191 -14.85 20.24 -10.18
N THR A 192 -15.41 20.36 -11.38
CA THR A 192 -16.85 20.56 -11.52
C THR A 192 -17.41 19.47 -12.41
N GLY A 193 -18.73 19.44 -12.56
CA GLY A 193 -19.38 18.49 -13.44
C GLY A 193 -18.87 18.62 -14.86
N ASP A 194 -18.34 19.79 -15.19
CA ASP A 194 -17.91 20.07 -16.56
C ASP A 194 -16.44 19.74 -16.81
N THR A 195 -15.68 19.54 -15.73
CA THR A 195 -14.27 19.21 -15.85
C THR A 195 -14.06 17.96 -16.70
N VAL A 196 -13.19 18.07 -17.70
CA VAL A 196 -12.82 16.90 -18.50
C VAL A 196 -11.76 16.10 -17.75
N LEU A 197 -12.12 14.92 -17.28
CA LEU A 197 -11.20 14.11 -16.48
C LEU A 197 -11.22 12.64 -16.87
N CYS A 198 -10.30 11.88 -16.29
CA CYS A 198 -10.16 10.46 -16.64
C CYS A 198 -10.96 9.57 -15.70
N TYR A 199 -11.05 8.29 -16.05
CA TYR A 199 -11.78 7.33 -15.25
C TYR A 199 -11.37 7.33 -13.77
N CYS A 200 -10.06 7.22 -13.52
CA CYS A 200 -9.56 7.12 -12.16
C CYS A 200 -9.80 8.39 -11.34
N CYS A 201 -9.54 9.55 -11.92
CA CYS A 201 -9.79 10.81 -11.23
C CYS A 201 -11.28 11.03 -10.98
N GLY A 202 -12.10 10.71 -11.97
CA GLY A 202 -13.54 10.78 -11.82
C GLY A 202 -14.04 9.86 -10.72
N LEU A 203 -13.50 8.64 -10.69
CA LEU A 203 -13.90 7.65 -9.70
C LEU A 203 -13.56 8.16 -8.30
N ARG A 204 -12.38 8.76 -8.18
CA ARG A 204 -11.92 9.28 -6.91
C ARG A 204 -12.86 10.32 -6.34
N SER A 205 -13.29 11.25 -7.19
CA SER A 205 -14.22 12.30 -6.75
C SER A 205 -15.63 11.74 -6.54
N PHE A 206 -15.99 10.75 -7.34
CA PHE A 206 -17.28 10.09 -7.20
C PHE A 206 -17.42 9.44 -5.83
N ARG A 207 -16.34 8.83 -5.34
CA ARG A 207 -16.35 8.23 -4.02
C ARG A 207 -16.63 9.29 -2.94
N GLU A 208 -15.97 10.44 -3.07
CA GLU A 208 -16.16 11.53 -2.10
C GLU A 208 -17.57 12.10 -2.14
N LEU A 209 -18.07 12.37 -3.34
CA LEU A 209 -19.44 12.86 -3.49
C LEU A 209 -20.44 11.85 -2.93
N THR A 210 -20.20 10.58 -3.22
CA THR A 210 -21.09 9.50 -2.77
C THR A 210 -21.11 9.37 -1.25
N TYR A 211 -19.96 9.56 -0.61
CA TYR A 211 -19.92 9.51 0.84
C TYR A 211 -20.81 10.60 1.43
N GLN A 212 -20.70 11.80 0.87
CA GLN A 212 -21.51 12.91 1.35
C GLN A 212 -23.00 12.69 1.07
N TYR A 213 -23.31 12.09 -0.07
CA TYR A 213 -24.68 11.73 -0.40
C TYR A 213 -25.25 10.79 0.67
N ARG A 214 -24.48 9.75 0.97
CA ARG A 214 -24.85 8.76 1.98
C ARG A 214 -25.02 9.42 3.35
N GLN A 215 -24.11 10.33 3.65
CA GLN A 215 -24.10 11.06 4.91
C GLN A 215 -25.42 11.79 5.15
N ASN A 216 -26.03 12.25 4.07
CA ASN A 216 -27.21 13.09 4.14
C ASN A 216 -28.53 12.33 4.09
N ILE A 217 -28.45 11.00 4.01
CA ILE A 217 -29.64 10.18 4.10
C ILE A 217 -30.11 10.12 5.55
N PRO A 218 -31.37 10.49 5.79
CA PRO A 218 -31.92 10.44 7.15
C PRO A 218 -31.95 9.02 7.70
N ALA A 219 -31.70 8.87 8.99
CA ALA A 219 -31.68 7.55 9.62
C ALA A 219 -32.99 6.80 9.42
N SER A 220 -34.10 7.54 9.38
CA SER A 220 -35.42 6.93 9.25
C SER A 220 -35.64 6.29 7.87
N GLU A 221 -34.79 6.65 6.91
CA GLU A 221 -34.92 6.11 5.55
C GLU A 221 -34.03 4.90 5.33
N LEU A 222 -33.33 4.48 6.38
CA LEU A 222 -32.50 3.28 6.31
C LEU A 222 -33.04 2.23 7.25
N PRO A 223 -32.80 0.94 6.95
CA PRO A 223 -33.26 -0.13 7.84
C PRO A 223 -32.78 0.08 9.27
N VAL A 224 -33.57 -0.36 10.23
CA VAL A 224 -33.22 -0.16 11.64
C VAL A 224 -31.96 -0.94 12.00
N ALA A 225 -31.70 -2.03 11.27
CA ALA A 225 -30.51 -2.83 11.49
C ALA A 225 -29.26 -2.02 11.16
N VAL A 226 -29.39 -1.06 10.26
CA VAL A 226 -28.29 -0.18 9.89
C VAL A 226 -28.06 0.86 10.98
N THR A 227 -29.13 1.54 11.38
CA THR A 227 -29.05 2.65 12.30
C THR A 227 -28.84 2.22 13.76
N SER A 228 -29.03 0.94 14.04
CA SER A 228 -28.85 0.42 15.40
C SER A 228 -27.38 0.24 15.77
N ARG A 229 -26.53 0.11 14.78
CA ARG A 229 -25.10 -0.12 15.01
C ARG A 229 -24.43 1.12 15.58
N PRO A 230 -23.54 0.92 16.57
CA PRO A 230 -22.83 2.05 17.18
C PRO A 230 -21.74 2.54 16.25
N ASP A 231 -21.37 3.81 16.38
CA ASP A 231 -20.29 4.36 15.58
C ASP A 231 -18.97 3.70 15.93
N CYS A 232 -18.16 3.42 14.91
CA CYS A 232 -16.79 3.00 15.18
C CYS A 232 -15.97 4.22 15.62
N TYR A 233 -15.19 4.02 16.68
CA TYR A 233 -14.35 5.05 17.24
C TYR A 233 -13.47 5.71 16.17
N TRP A 234 -13.03 4.91 15.20
CA TRP A 234 -12.05 5.36 14.21
C TRP A 234 -12.69 5.95 12.95
N GLY A 235 -14.01 5.89 12.86
CA GLY A 235 -14.74 6.53 11.79
C GLY A 235 -14.45 6.00 10.40
N ARG A 236 -14.68 6.84 9.39
CA ARG A 236 -14.65 6.45 7.98
C ARG A 236 -13.30 5.92 7.51
N ASN A 237 -12.23 6.35 8.17
CA ASN A 237 -10.89 5.94 7.78
C ASN A 237 -10.40 4.68 8.50
N CYS A 238 -11.28 4.07 9.28
CA CYS A 238 -10.95 2.84 10.00
C CYS A 238 -10.33 1.78 9.10
N ARG A 239 -9.27 1.15 9.60
CA ARG A 239 -8.50 0.18 8.82
C ARG A 239 -9.08 -1.22 8.95
N THR A 240 -9.95 -1.41 9.93
CA THR A 240 -10.51 -2.72 10.27
C THR A 240 -11.78 -3.03 9.50
N GLN A 241 -12.36 -2.01 8.87
CA GLN A 241 -13.66 -2.18 8.20
C GLN A 241 -13.59 -3.02 6.93
N VAL A 242 -12.40 -3.36 6.48
CA VAL A 242 -12.27 -4.27 5.36
C VAL A 242 -12.54 -5.71 5.82
N LYS A 243 -12.67 -5.89 7.13
CA LYS A 243 -13.01 -7.19 7.69
C LYS A 243 -14.51 -7.31 7.92
N ALA A 244 -15.10 -8.37 7.39
CA ALA A 244 -16.54 -8.54 7.39
C ALA A 244 -17.21 -8.31 8.75
N HIS A 245 -16.71 -8.97 9.79
CA HIS A 245 -17.35 -8.90 11.10
C HIS A 245 -17.36 -7.49 11.68
N HIS A 246 -16.24 -6.79 11.57
CA HIS A 246 -16.13 -5.46 12.11
C HIS A 246 -17.03 -4.48 11.35
N ALA A 247 -17.09 -4.66 10.04
CA ALA A 247 -17.89 -3.79 9.18
C ALA A 247 -19.37 -3.91 9.51
N MET A 248 -19.81 -5.13 9.79
CA MET A 248 -21.20 -5.38 10.14
C MET A 248 -21.53 -4.80 11.52
N LYS A 249 -20.59 -4.92 12.45
CA LYS A 249 -20.84 -4.53 13.83
C LYS A 249 -20.96 -3.03 14.05
N PHE A 250 -20.09 -2.26 13.39
CA PHE A 250 -20.02 -0.81 13.60
C PHE A 250 -20.40 0.01 12.37
N ASN A 251 -21.04 1.15 12.61
CA ASN A 251 -21.26 2.14 11.57
C ASN A 251 -19.95 2.84 11.24
N HIS A 252 -19.62 2.93 9.95
CA HIS A 252 -18.42 3.64 9.54
C HIS A 252 -18.71 4.88 8.72
N ILE A 253 -19.99 5.27 8.69
CA ILE A 253 -20.37 6.58 8.15
C ILE A 253 -20.35 7.58 9.29
N CYS A 254 -19.14 7.93 9.72
CA CYS A 254 -18.96 8.88 10.80
C CYS A 254 -17.52 9.34 10.79
N GLU A 255 -17.21 10.34 11.62
CA GLU A 255 -15.85 10.85 11.71
C GLU A 255 -15.11 10.24 12.90
N GLN A 256 -13.78 10.27 12.83
CA GLN A 256 -12.93 9.85 13.92
C GLN A 256 -13.35 10.51 15.22
N THR A 257 -13.45 9.73 16.30
CA THR A 257 -13.69 10.30 17.62
C THR A 257 -12.42 10.96 18.15
N ARG A 258 -12.53 12.22 18.58
CA ARG A 258 -11.37 12.89 19.14
C ARG A 258 -11.54 13.10 20.65
N PHE A 259 -12.10 14.23 21.06
CA PHE A 259 -12.40 14.42 22.49
C PHE A 259 -13.79 13.92 22.87
N LYS A 260 -14.01 13.74 24.16
CA LYS A 260 -15.30 13.36 24.74
C LYS A 260 -16.49 13.49 23.79
N TYR B 22 33.68 -25.19 -5.99
CA TYR B 22 34.19 -24.09 -6.80
C TYR B 22 33.07 -23.12 -7.17
N VAL B 23 33.11 -21.92 -6.60
CA VAL B 23 32.07 -20.92 -6.89
C VAL B 23 32.62 -19.65 -7.54
N VAL B 24 31.77 -19.00 -8.34
CA VAL B 24 32.11 -17.75 -9.00
C VAL B 24 31.04 -16.72 -8.64
N CYS B 25 31.45 -15.58 -8.12
CA CYS B 25 30.50 -14.57 -7.68
C CYS B 25 30.57 -13.32 -8.56
N ARG B 26 29.68 -12.37 -8.32
CA ARG B 26 29.58 -11.18 -9.15
C ARG B 26 30.91 -10.42 -9.24
N GLN B 27 31.76 -10.59 -8.23
CA GLN B 27 33.02 -9.84 -8.16
C GLN B 27 34.28 -10.66 -8.49
N CYS B 28 34.11 -11.93 -8.81
CA CYS B 28 35.23 -12.75 -9.25
C CYS B 28 35.85 -12.19 -10.52
N PRO B 29 37.18 -12.33 -10.67
CA PRO B 29 37.85 -11.87 -11.89
C PRO B 29 37.56 -12.83 -13.04
N GLU B 30 37.69 -12.36 -14.28
CA GLU B 30 37.42 -13.19 -15.46
C GLU B 30 38.20 -14.51 -15.46
N TYR B 31 39.46 -14.48 -15.05
CA TYR B 31 40.28 -15.70 -15.08
C TYR B 31 39.67 -16.77 -14.20
N ARG B 32 38.98 -16.37 -13.15
CA ARG B 32 38.30 -17.31 -12.28
C ARG B 32 36.98 -17.79 -12.91
N ARG B 33 36.21 -16.84 -13.43
CA ARG B 33 34.92 -17.17 -14.03
C ARG B 33 35.07 -18.14 -15.21
N GLN B 34 36.06 -17.86 -16.06
CA GLN B 34 36.28 -18.64 -17.27
C GLN B 34 36.81 -20.05 -16.96
N ALA B 35 37.31 -20.24 -15.75
CA ALA B 35 37.85 -21.53 -15.34
C ALA B 35 36.78 -22.47 -14.80
N ALA B 36 35.56 -21.96 -14.61
CA ALA B 36 34.47 -22.77 -14.07
C ALA B 36 34.08 -23.88 -15.03
N GLN B 37 33.38 -24.89 -14.51
CA GLN B 37 32.90 -26.00 -15.32
C GLN B 37 31.76 -25.56 -16.22
N PRO B 38 31.69 -26.11 -17.44
CA PRO B 38 30.63 -25.80 -18.39
C PRO B 38 29.29 -26.35 -17.93
N PRO B 39 28.19 -25.67 -18.29
CA PRO B 39 26.85 -26.17 -17.96
C PRO B 39 26.33 -27.17 -18.99
N HIS B 40 25.20 -27.80 -18.67
CA HIS B 40 24.58 -28.77 -19.55
C HIS B 40 23.86 -28.07 -20.71
N CYS B 41 24.22 -28.40 -21.93
CA CYS B 41 23.57 -27.83 -23.10
C CYS B 41 22.48 -28.77 -23.64
N PRO B 42 21.26 -28.25 -23.82
CA PRO B 42 20.09 -29.05 -24.22
C PRO B 42 20.32 -29.81 -25.52
N ASP B 70 33.66 -2.06 -6.20
CA ASP B 70 34.70 -2.05 -7.22
C ASP B 70 35.66 -3.21 -6.99
N TYR B 71 35.41 -3.94 -5.91
CA TYR B 71 36.25 -5.05 -5.46
C TYR B 71 36.32 -6.19 -6.48
N VAL B 72 37.51 -6.80 -6.59
CA VAL B 72 37.69 -8.01 -7.40
C VAL B 72 38.30 -9.09 -6.51
N CYS B 73 37.68 -10.27 -6.50
CA CYS B 73 38.13 -11.34 -5.62
C CYS B 73 39.57 -11.77 -5.92
N PRO B 74 40.42 -11.76 -4.88
CA PRO B 74 41.81 -12.21 -5.00
C PRO B 74 41.89 -13.73 -5.01
N LEU B 75 43.02 -14.26 -5.45
CA LEU B 75 43.19 -15.71 -5.52
C LEU B 75 42.92 -16.38 -4.18
N GLN B 76 43.31 -15.72 -3.09
CA GLN B 76 43.16 -16.31 -1.76
C GLN B 76 41.79 -16.06 -1.15
N GLY B 77 40.95 -15.30 -1.84
CA GLY B 77 39.62 -14.99 -1.36
C GLY B 77 38.73 -16.21 -1.26
N SER B 78 37.85 -16.22 -0.27
CA SER B 78 36.85 -17.28 -0.14
C SER B 78 35.46 -16.70 -0.38
N HIS B 79 34.46 -17.58 -0.44
CA HIS B 79 33.10 -17.13 -0.65
C HIS B 79 32.16 -17.72 0.40
N ALA B 80 31.06 -17.01 0.61
CA ALA B 80 30.00 -17.51 1.46
C ALA B 80 28.69 -17.31 0.72
N LEU B 81 27.75 -18.23 0.90
CA LEU B 81 26.45 -18.12 0.24
C LEU B 81 25.50 -17.26 1.06
N CYS B 82 24.83 -16.32 0.41
CA CYS B 82 23.80 -15.54 1.07
C CYS B 82 22.71 -16.48 1.56
N THR B 83 22.36 -16.37 2.84
CA THR B 83 21.35 -17.23 3.42
C THR B 83 20.00 -17.05 2.73
N CYS B 84 19.80 -15.86 2.17
CA CYS B 84 18.52 -15.51 1.55
C CYS B 84 18.42 -15.91 0.07
N CYS B 85 19.38 -15.47 -0.75
CA CYS B 85 19.32 -15.72 -2.19
C CYS B 85 20.19 -16.92 -2.64
N PHE B 86 21.00 -17.45 -1.74
CA PHE B 86 21.82 -18.64 -2.02
C PHE B 86 22.96 -18.35 -3.01
N GLN B 87 23.12 -17.10 -3.42
CA GLN B 87 24.18 -16.75 -4.35
C GLN B 87 25.46 -16.34 -3.61
N PRO B 88 26.63 -16.75 -4.14
CA PRO B 88 27.91 -16.53 -3.48
C PRO B 88 28.29 -15.05 -3.42
N MET B 89 28.99 -14.66 -2.36
CA MET B 89 29.57 -13.35 -2.22
C MET B 89 30.97 -13.54 -1.63
N PRO B 90 31.88 -12.60 -1.88
CA PRO B 90 33.21 -12.76 -1.25
C PRO B 90 33.06 -12.72 0.26
N ASP B 91 33.72 -13.64 0.96
CA ASP B 91 33.66 -13.66 2.42
C ASP B 91 34.73 -12.74 3.00
N ARG B 92 34.36 -11.49 3.24
CA ARG B 92 35.31 -10.48 3.70
C ARG B 92 35.07 -10.15 5.17
N ARG B 93 34.48 -11.08 5.90
CA ARG B 93 34.14 -10.85 7.31
C ARG B 93 35.39 -10.72 8.18
N VAL B 94 36.38 -11.57 7.98
CA VAL B 94 37.63 -11.46 8.73
C VAL B 94 38.34 -10.15 8.39
N GLU B 95 38.34 -9.80 7.10
CA GLU B 95 38.91 -8.53 6.67
C GLU B 95 38.20 -7.37 7.37
N ARG B 96 36.90 -7.51 7.57
CA ARG B 96 36.10 -6.45 8.17
C ARG B 96 36.48 -6.17 9.62
N GLU B 97 36.91 -7.20 10.35
CA GLU B 97 37.35 -7.04 11.72
C GLU B 97 38.45 -5.99 11.84
N GLN B 98 39.28 -5.87 10.82
CA GLN B 98 40.38 -4.92 10.82
C GLN B 98 40.09 -3.70 9.96
N ASP B 99 38.97 -3.74 9.23
CA ASP B 99 38.60 -2.63 8.37
C ASP B 99 37.08 -2.43 8.31
N PRO B 100 36.54 -1.68 9.28
CA PRO B 100 35.10 -1.39 9.40
C PRO B 100 34.52 -0.72 8.14
N ARG B 101 35.37 -0.35 7.18
CA ARG B 101 34.91 0.18 5.91
C ARG B 101 34.12 -0.87 5.13
N VAL B 102 34.54 -2.13 5.25
CA VAL B 102 33.88 -3.25 4.61
C VAL B 102 32.47 -3.42 5.15
N ALA B 103 31.50 -3.53 4.24
CA ALA B 103 30.10 -3.66 4.61
C ALA B 103 29.86 -4.94 5.40
N PRO B 104 28.93 -4.88 6.36
CA PRO B 104 28.57 -6.08 7.13
C PRO B 104 28.01 -7.16 6.21
N GLN B 105 28.27 -8.41 6.53
CA GLN B 105 27.81 -9.52 5.69
C GLN B 105 27.14 -10.63 6.49
N GLN B 106 26.81 -10.34 7.75
CA GLN B 106 26.07 -11.31 8.56
C GLN B 106 25.22 -10.61 9.61
N CYS B 107 24.22 -11.31 10.12
CA CYS B 107 23.40 -10.80 11.21
C CYS B 107 24.19 -10.89 12.51
N ALA B 108 24.23 -9.79 13.25
CA ALA B 108 24.95 -9.75 14.51
C ALA B 108 24.44 -10.79 15.52
N VAL B 109 23.17 -11.15 15.42
CA VAL B 109 22.57 -12.06 16.39
C VAL B 109 22.70 -13.54 16.00
N CYS B 110 22.17 -13.90 14.84
CA CYS B 110 22.16 -15.31 14.44
C CYS B 110 23.44 -15.70 13.71
N LEU B 111 24.18 -14.69 13.27
CA LEU B 111 25.48 -14.89 12.62
C LEU B 111 25.40 -15.52 11.22
N GLN B 112 24.20 -15.61 10.66
CA GLN B 112 24.02 -16.12 9.30
CA GLN B 112 24.03 -16.12 9.31
C GLN B 112 24.40 -15.05 8.29
N PRO B 113 25.03 -15.46 7.17
CA PRO B 113 25.48 -14.54 6.13
C PRO B 113 24.35 -14.04 5.23
N PHE B 114 24.35 -12.75 4.93
CA PHE B 114 23.39 -12.14 4.01
C PHE B 114 24.12 -11.11 3.16
N CYS B 115 23.72 -10.98 1.91
CA CYS B 115 24.50 -10.19 0.95
C CYS B 115 23.98 -8.77 0.73
N HIS B 116 22.81 -8.45 1.28
CA HIS B 116 22.14 -7.20 0.91
C HIS B 116 22.94 -5.92 1.17
N LEU B 117 23.52 -5.80 2.36
CA LEU B 117 24.30 -4.60 2.67
C LEU B 117 25.57 -4.54 1.82
N TYR B 118 26.11 -5.71 1.49
CA TYR B 118 27.35 -5.75 0.74
C TYR B 118 27.19 -5.23 -0.68
N TRP B 119 26.20 -5.73 -1.41
CA TRP B 119 26.02 -5.31 -2.81
C TRP B 119 24.58 -5.35 -3.31
N GLY B 120 23.62 -5.49 -2.40
CA GLY B 120 22.21 -5.49 -2.77
C GLY B 120 21.72 -6.85 -3.23
N CYS B 121 20.82 -7.42 -2.47
CA CYS B 121 20.27 -8.73 -2.77
C CYS B 121 19.02 -8.62 -3.66
N THR B 122 18.79 -9.63 -4.49
CA THR B 122 17.58 -9.67 -5.32
C THR B 122 16.91 -11.04 -5.23
N ARG B 123 15.69 -11.04 -4.72
CA ARG B 123 14.88 -12.26 -4.67
C ARG B 123 13.44 -11.88 -4.38
N THR B 124 12.50 -12.53 -5.07
CA THR B 124 11.09 -12.33 -4.77
C THR B 124 10.83 -12.88 -3.38
N GLY B 125 10.46 -12.01 -2.46
CA GLY B 125 10.25 -12.40 -1.08
C GLY B 125 11.31 -11.81 -0.17
N CYS B 126 12.35 -11.25 -0.79
CA CYS B 126 13.38 -10.54 -0.05
C CYS B 126 13.07 -9.06 -0.01
N TYR B 127 12.98 -8.50 1.20
CA TYR B 127 12.68 -7.09 1.37
C TYR B 127 13.97 -6.28 1.50
N GLY B 128 15.10 -6.96 1.45
CA GLY B 128 16.37 -6.39 1.86
C GLY B 128 16.78 -7.12 3.14
N CYS B 129 17.49 -8.22 2.97
CA CYS B 129 17.64 -9.23 4.02
C CYS B 129 18.63 -8.90 5.14
N LEU B 130 19.27 -7.74 5.06
CA LEU B 130 20.21 -7.32 6.11
C LEU B 130 20.24 -5.80 6.19
N ALA B 131 20.18 -5.26 7.40
CA ALA B 131 20.16 -3.82 7.59
C ALA B 131 20.31 -3.45 9.06
N PRO B 132 20.86 -2.25 9.33
CA PRO B 132 20.79 -1.76 10.70
C PRO B 132 19.33 -1.77 11.11
N PHE B 133 19.05 -2.21 12.33
CA PHE B 133 17.68 -2.40 12.81
C PHE B 133 16.73 -1.27 12.42
N CYS B 134 17.17 -0.03 12.62
CA CYS B 134 16.31 1.12 12.37
C CYS B 134 15.90 1.27 10.91
N GLU B 135 16.66 0.63 10.02
CA GLU B 135 16.41 0.74 8.58
CA GLU B 135 16.40 0.75 8.59
C GLU B 135 15.85 -0.55 8.00
N LEU B 136 15.77 -1.59 8.82
CA LEU B 136 15.31 -2.90 8.37
C LEU B 136 13.87 -2.90 7.83
N ASN B 137 13.69 -3.45 6.63
CA ASN B 137 12.36 -3.59 6.04
C ASN B 137 11.67 -4.87 6.50
N LEU B 138 10.50 -4.73 7.11
CA LEU B 138 9.78 -5.87 7.66
C LEU B 138 8.55 -6.25 6.82
N GLY B 139 8.30 -5.48 5.77
CA GLY B 139 7.22 -5.81 4.85
C GLY B 139 5.93 -5.06 5.11
N ASP B 140 5.16 -4.87 4.04
CA ASP B 140 3.90 -4.11 4.11
C ASP B 140 2.92 -4.62 5.16
N LYS B 141 2.98 -5.91 5.49
CA LYS B 141 1.99 -6.49 6.38
C LYS B 141 2.53 -6.81 7.78
N CYS B 142 3.62 -6.16 8.16
CA CYS B 142 4.28 -6.49 9.42
C CYS B 142 3.44 -6.16 10.66
N LEU B 143 2.43 -5.31 10.50
CA LEU B 143 1.56 -4.96 11.63
C LEU B 143 0.47 -5.99 11.87
N ASP B 144 0.20 -6.81 10.87
CA ASP B 144 -0.82 -7.84 11.00
C ASP B 144 -0.44 -8.83 12.09
N GLY B 145 -1.24 -8.88 13.16
CA GLY B 145 -1.00 -9.77 14.27
C GLY B 145 0.30 -9.50 14.99
N VAL B 146 0.84 -8.29 14.84
CA VAL B 146 2.13 -7.95 15.42
C VAL B 146 2.11 -8.08 16.95
N LEU B 147 0.94 -7.88 17.55
CA LEU B 147 0.80 -8.02 18.99
C LEU B 147 0.43 -9.45 19.36
N ASN B 148 1.44 -10.29 19.56
CA ASN B 148 1.21 -11.67 20.01
C ASN B 148 0.20 -12.44 19.16
N ASN B 149 0.25 -12.25 17.85
CA ASN B 149 -0.63 -12.94 16.93
C ASN B 149 -2.11 -12.69 17.24
N ASN B 150 -2.38 -11.56 17.89
CA ASN B 150 -3.73 -11.18 18.29
C ASN B 150 -4.27 -10.13 17.32
N SER B 151 -5.16 -10.54 16.42
CA SER B 151 -5.65 -9.63 15.38
C SER B 151 -6.48 -8.49 15.96
N TYR B 152 -7.24 -8.78 17.01
CA TYR B 152 -8.06 -7.75 17.63
C TYR B 152 -7.21 -6.61 18.19
N GLU B 153 -6.21 -6.95 19.00
CA GLU B 153 -5.32 -5.94 19.56
C GLU B 153 -4.51 -5.25 18.47
N SER B 154 -4.01 -6.03 17.52
CA SER B 154 -3.17 -5.50 16.46
C SER B 154 -3.94 -4.54 15.56
N ASP B 155 -5.21 -4.86 15.31
CA ASP B 155 -6.06 -3.98 14.50
C ASP B 155 -6.27 -2.64 15.21
N ILE B 156 -6.44 -2.68 16.53
CA ILE B 156 -6.55 -1.44 17.30
C ILE B 156 -5.28 -0.60 17.14
N LEU B 157 -4.12 -1.24 17.23
CA LEU B 157 -2.86 -0.54 17.04
C LEU B 157 -2.75 0.07 15.64
N LYS B 158 -3.13 -0.70 14.63
CA LYS B 158 -3.10 -0.21 13.26
C LYS B 158 -3.94 1.04 13.10
N ASN B 159 -5.10 1.08 13.74
CA ASN B 159 -5.96 2.25 13.69
C ASN B 159 -5.32 3.45 14.39
N TYR B 160 -4.71 3.20 15.53
CA TYR B 160 -4.04 4.26 16.29
C TYR B 160 -2.92 4.93 15.47
N LEU B 161 -2.09 4.10 14.85
CA LEU B 161 -0.99 4.61 14.05
C LEU B 161 -1.51 5.42 12.86
N ALA B 162 -2.46 4.85 12.14
CA ALA B 162 -3.01 5.51 10.95
C ALA B 162 -3.67 6.84 11.32
N THR B 163 -4.43 6.85 12.41
CA THR B 163 -5.09 8.07 12.87
C THR B 163 -4.06 9.15 13.21
N ARG B 164 -2.93 8.73 13.77
CA ARG B 164 -1.86 9.66 14.12
C ARG B 164 -1.01 10.03 12.91
N GLY B 165 -1.27 9.39 11.78
CA GLY B 165 -0.51 9.66 10.57
C GLY B 165 0.87 9.02 10.58
N LEU B 166 1.02 7.94 11.34
CA LEU B 166 2.30 7.25 11.48
C LEU B 166 2.34 5.93 10.71
N THR B 167 3.55 5.56 10.26
CA THR B 167 3.79 4.28 9.61
C THR B 167 4.39 3.32 10.65
N TRP B 168 4.53 2.06 10.29
CA TRP B 168 5.18 1.11 11.20
C TRP B 168 6.64 1.50 11.44
N LYS B 169 7.25 2.14 10.45
CA LYS B 169 8.63 2.60 10.58
C LYS B 169 8.75 3.73 11.61
N ASN B 170 7.78 4.64 11.63
CA ASN B 170 7.73 5.68 12.64
C ASN B 170 7.64 5.09 14.05
N MET B 171 6.77 4.11 14.21
CA MET B 171 6.64 3.42 15.49
C MET B 171 7.96 2.76 15.89
N LEU B 172 8.60 2.07 14.95
CA LEU B 172 9.89 1.44 15.24
C LEU B 172 10.92 2.47 15.69
N THR B 173 11.02 3.57 14.95
CA THR B 173 11.96 4.63 15.30
C THR B 173 11.74 5.14 16.72
N GLU B 174 10.50 5.47 17.05
CA GLU B 174 10.18 5.95 18.38
C GLU B 174 10.43 4.91 19.46
N SER B 175 10.23 3.64 19.11
CA SER B 175 10.48 2.55 20.05
C SER B 175 11.98 2.35 20.28
N LEU B 176 12.76 2.58 19.23
CA LEU B 176 14.21 2.47 19.32
C LEU B 176 14.81 3.62 20.13
N VAL B 177 14.17 4.79 20.07
CA VAL B 177 14.58 5.91 20.91
C VAL B 177 14.34 5.57 22.38
N ALA B 178 13.16 5.02 22.67
CA ALA B 178 12.84 4.60 24.02
C ALA B 178 13.78 3.49 24.49
N LEU B 179 14.16 2.62 23.57
CA LEU B 179 15.10 1.55 23.88
C LEU B 179 16.44 2.15 24.29
N GLN B 180 16.93 3.09 23.49
CA GLN B 180 18.21 3.73 23.76
C GLN B 180 18.20 4.42 25.12
N ARG B 181 17.04 4.95 25.50
CA ARG B 181 16.91 5.68 26.77
C ARG B 181 16.64 4.75 27.96
N GLY B 182 16.55 3.46 27.68
CA GLY B 182 16.34 2.47 28.71
C GLY B 182 14.90 2.36 29.17
N VAL B 183 14.03 3.07 28.46
CA VAL B 183 12.60 3.05 28.80
C VAL B 183 11.95 1.77 28.29
N PHE B 184 12.36 1.31 27.11
CA PHE B 184 11.95 0.02 26.57
C PHE B 184 13.08 -0.99 26.75
N LEU B 185 12.73 -2.28 26.81
CA LEU B 185 13.72 -3.33 26.94
C LEU B 185 13.53 -4.39 25.86
N LEU B 186 14.62 -5.08 25.52
CA LEU B 186 14.55 -6.25 24.64
C LEU B 186 15.01 -7.49 25.40
N SER B 187 14.52 -8.66 24.99
CA SER B 187 14.92 -9.90 25.64
C SER B 187 16.38 -10.22 25.35
N ASP B 188 16.91 -9.61 24.29
CA ASP B 188 18.32 -9.70 23.94
C ASP B 188 18.95 -8.33 24.19
N TYR B 189 19.61 -8.18 25.33
CA TYR B 189 20.10 -6.87 25.76
C TYR B 189 21.16 -6.28 24.84
N ARG B 190 21.69 -7.09 23.93
CA ARG B 190 22.77 -6.66 23.06
C ARG B 190 22.28 -5.77 21.92
N VAL B 191 21.00 -5.90 21.59
CA VAL B 191 20.43 -5.25 20.41
C VAL B 191 20.11 -3.79 20.61
N THR B 192 20.48 -2.96 19.62
CA THR B 192 20.11 -1.55 19.58
C THR B 192 19.57 -1.21 18.20
N GLY B 193 19.20 0.04 18.01
CA GLY B 193 18.70 0.49 16.71
C GLY B 193 19.76 0.45 15.63
N ASP B 194 21.02 0.35 16.04
CA ASP B 194 22.15 0.30 15.11
C ASP B 194 22.53 -1.13 14.71
N THR B 195 22.08 -2.10 15.48
CA THR B 195 22.49 -3.47 15.27
C THR B 195 22.11 -3.96 13.87
N VAL B 196 23.08 -4.54 13.16
CA VAL B 196 22.82 -5.13 11.85
C VAL B 196 22.10 -6.47 12.01
N LEU B 197 20.87 -6.53 11.55
CA LEU B 197 20.01 -7.69 11.78
C LEU B 197 19.42 -8.23 10.48
N CYS B 198 19.12 -9.52 10.48
CA CYS B 198 18.38 -10.14 9.40
C CYS B 198 16.88 -9.94 9.66
N TYR B 199 16.06 -10.32 8.69
CA TYR B 199 14.61 -10.15 8.80
C TYR B 199 14.01 -10.87 10.00
N CYS B 200 14.37 -12.14 10.19
CA CYS B 200 13.80 -12.92 11.28
C CYS B 200 14.19 -12.39 12.66
N CYS B 201 15.46 -11.99 12.81
CA CYS B 201 15.94 -11.45 14.09
C CYS B 201 15.36 -10.06 14.35
N GLY B 202 15.30 -9.23 13.32
CA GLY B 202 14.69 -7.92 13.44
C GLY B 202 13.22 -8.02 13.80
N LEU B 203 12.53 -8.97 13.17
CA LEU B 203 11.10 -9.15 13.41
C LEU B 203 10.80 -9.53 14.86
N ARG B 204 11.64 -10.39 15.42
CA ARG B 204 11.50 -10.81 16.80
C ARG B 204 11.58 -9.63 17.77
N SER B 205 12.58 -8.78 17.61
CA SER B 205 12.72 -7.60 18.48
C SER B 205 11.66 -6.54 18.19
N PHE B 206 11.28 -6.41 16.92
CA PHE B 206 10.22 -5.50 16.50
C PHE B 206 8.94 -5.79 17.27
N ARG B 207 8.56 -7.06 17.34
CA ARG B 207 7.36 -7.45 18.09
CA ARG B 207 7.35 -7.44 18.09
C ARG B 207 7.46 -7.11 19.57
N GLU B 208 8.65 -7.28 20.15
CA GLU B 208 8.83 -6.95 21.56
C GLU B 208 8.69 -5.45 21.79
N LEU B 209 9.28 -4.65 20.91
CA LEU B 209 9.20 -3.20 21.01
C LEU B 209 7.77 -2.72 20.80
N THR B 210 7.09 -3.32 19.82
CA THR B 210 5.73 -2.93 19.48
C THR B 210 4.75 -3.13 20.64
N TYR B 211 4.93 -4.22 21.38
CA TYR B 211 4.09 -4.47 22.55
C TYR B 211 4.25 -3.35 23.57
N GLN B 212 5.50 -2.92 23.77
CA GLN B 212 5.78 -1.85 24.71
C GLN B 212 5.23 -0.51 24.21
N TYR B 213 5.33 -0.28 22.91
CA TYR B 213 4.72 0.92 22.32
C TYR B 213 3.22 0.94 22.64
N ARG B 214 2.55 -0.17 22.38
CA ARG B 214 1.12 -0.28 22.67
C ARG B 214 0.81 -0.03 24.14
N GLN B 215 1.61 -0.64 25.02
CA GLN B 215 1.45 -0.46 26.46
C GLN B 215 1.40 1.01 26.85
N ASN B 216 2.11 1.84 26.10
CA ASN B 216 2.28 3.24 26.48
C ASN B 216 1.33 4.21 25.79
N ILE B 217 0.33 3.68 25.09
CA ILE B 217 -0.72 4.53 24.52
C ILE B 217 -1.68 4.95 25.62
N PRO B 218 -1.85 6.27 25.80
CA PRO B 218 -2.75 6.77 26.85
C PRO B 218 -4.18 6.28 26.63
N ALA B 219 -4.85 5.88 27.70
CA ALA B 219 -6.23 5.40 27.61
C ALA B 219 -7.14 6.41 26.92
N SER B 220 -6.87 7.70 27.14
CA SER B 220 -7.72 8.75 26.58
C SER B 220 -7.72 8.79 25.06
N GLU B 221 -6.76 8.10 24.43
CA GLU B 221 -6.64 8.10 22.98
C GLU B 221 -7.22 6.82 22.36
N LEU B 222 -7.82 5.98 23.21
CA LEU B 222 -8.43 4.74 22.76
C LEU B 222 -9.91 4.72 23.18
N PRO B 223 -10.72 3.88 22.52
CA PRO B 223 -12.12 3.76 22.92
C PRO B 223 -12.25 3.33 24.37
N VAL B 224 -13.21 3.91 25.09
CA VAL B 224 -13.41 3.56 26.49
C VAL B 224 -13.72 2.07 26.65
N ALA B 225 -14.46 1.53 25.68
CA ALA B 225 -14.86 0.13 25.73
C ALA B 225 -13.68 -0.83 25.61
N VAL B 226 -12.61 -0.36 24.96
CA VAL B 226 -11.41 -1.18 24.81
C VAL B 226 -10.68 -1.28 26.14
N THR B 227 -10.60 -0.16 26.84
CA THR B 227 -9.88 -0.09 28.11
C THR B 227 -10.69 -0.67 29.27
N SER B 228 -12.00 -0.82 29.06
CA SER B 228 -12.89 -1.31 30.11
C SER B 228 -12.98 -2.83 30.18
N ARG B 229 -12.57 -3.50 29.11
CA ARG B 229 -12.59 -4.96 29.06
C ARG B 229 -11.82 -5.57 30.24
N PRO B 230 -12.32 -6.69 30.78
CA PRO B 230 -11.58 -7.39 31.84
C PRO B 230 -10.30 -7.95 31.28
N ASP B 231 -9.25 -7.98 32.09
CA ASP B 231 -7.98 -8.56 31.68
C ASP B 231 -8.12 -10.07 31.65
N CYS B 232 -7.63 -10.70 30.58
CA CYS B 232 -7.51 -12.13 30.60
C CYS B 232 -6.44 -12.51 31.61
N TYR B 233 -6.65 -13.53 32.43
N TYR B 233 -6.73 -13.59 32.33
CA TYR B 233 -5.61 -13.80 33.42
CA TYR B 233 -5.88 -14.21 33.35
C TYR B 233 -4.37 -14.52 32.88
C TYR B 233 -4.45 -14.42 32.84
N TRP B 234 -4.38 -14.92 31.61
CA TRP B 234 -3.13 -15.38 30.99
C TRP B 234 -2.39 -14.20 30.38
N GLY B 235 -3.09 -13.07 30.29
CA GLY B 235 -2.54 -11.85 29.76
C GLY B 235 -1.84 -12.04 28.43
N ARG B 236 -0.67 -11.40 28.31
CA ARG B 236 0.08 -11.39 27.06
C ARG B 236 0.50 -12.78 26.61
N ASN B 237 0.54 -13.72 27.54
CA ASN B 237 1.00 -15.07 27.25
C ASN B 237 -0.12 -15.99 26.80
N CYS B 238 -1.34 -15.48 26.77
CA CYS B 238 -2.49 -16.30 26.43
C CYS B 238 -2.34 -16.93 25.06
N ARG B 239 -2.67 -18.22 24.96
CA ARG B 239 -2.60 -18.94 23.70
CA ARG B 239 -2.61 -18.95 23.69
C ARG B 239 -3.94 -18.89 22.96
N THR B 240 -5.00 -18.53 23.68
CA THR B 240 -6.34 -18.48 23.12
C THR B 240 -6.62 -17.16 22.42
N GLN B 241 -5.75 -16.17 22.63
CA GLN B 241 -5.97 -14.83 22.09
C GLN B 241 -5.85 -14.78 20.57
N VAL B 242 -5.44 -15.89 19.98
CA VAL B 242 -5.38 -15.99 18.52
C VAL B 242 -6.77 -16.23 17.97
N LYS B 243 -7.74 -16.44 18.87
CA LYS B 243 -9.13 -16.63 18.48
C LYS B 243 -9.92 -15.34 18.65
N ALA B 244 -10.64 -14.95 17.59
CA ALA B 244 -11.31 -13.66 17.54
C ALA B 244 -12.24 -13.36 18.72
N HIS B 245 -13.15 -14.28 19.02
CA HIS B 245 -14.13 -14.03 20.08
C HIS B 245 -13.48 -13.80 21.43
N HIS B 246 -12.50 -14.63 21.77
CA HIS B 246 -11.79 -14.50 23.03
C HIS B 246 -10.99 -13.20 23.10
N ALA B 247 -10.35 -12.85 22.00
CA ALA B 247 -9.54 -11.64 21.94
C ALA B 247 -10.39 -10.39 22.08
N MET B 248 -11.61 -10.45 21.56
CA MET B 248 -12.54 -9.33 21.65
C MET B 248 -13.04 -9.12 23.08
N LYS B 249 -13.29 -10.22 23.77
CA LYS B 249 -13.89 -10.19 25.10
C LYS B 249 -12.92 -9.75 26.20
N PHE B 250 -11.65 -10.14 26.08
CA PHE B 250 -10.68 -9.84 27.13
C PHE B 250 -9.52 -9.00 26.63
N ASN B 251 -9.05 -8.09 27.47
CA ASN B 251 -7.82 -7.36 27.21
C ASN B 251 -6.62 -8.30 27.36
N HIS B 252 -5.70 -8.24 26.40
CA HIS B 252 -4.48 -9.04 26.47
C HIS B 252 -3.23 -8.17 26.48
N ILE B 253 -3.42 -6.86 26.60
CA ILE B 253 -2.29 -5.96 26.85
C ILE B 253 -2.16 -5.85 28.37
N CYS B 254 -1.67 -6.91 28.98
CA CYS B 254 -1.54 -6.98 30.43
C CYS B 254 -0.68 -8.18 30.82
N GLU B 255 -0.26 -8.20 32.08
CA GLU B 255 0.59 -9.27 32.57
C GLU B 255 -0.22 -10.52 32.89
N GLN B 256 0.42 -11.68 32.80
CA GLN B 256 -0.20 -12.91 33.26
C GLN B 256 -0.33 -12.86 34.78
N THR B 257 -1.53 -13.10 35.28
CA THR B 257 -1.78 -13.00 36.72
C THR B 257 -2.22 -14.32 37.30
N ARG B 258 -2.42 -15.31 36.44
CA ARG B 258 -2.83 -16.63 36.89
C ARG B 258 -1.95 -17.72 36.25
N PHE B 259 -1.65 -18.75 37.03
CA PHE B 259 -0.73 -19.78 36.59
C PHE B 259 -1.33 -21.16 36.79
N LYS B 260 -2.57 -21.17 37.27
CA LYS B 260 -3.34 -22.39 37.49
C LYS B 260 -3.14 -23.36 36.34
#